data_1VPW
#
_entry.id   1VPW
#
_cell.length_a   175.890
_cell.length_b   94.930
_cell.length_c   81.900
_cell.angle_alpha   90.00
_cell.angle_beta   90.00
_cell.angle_gamma   90.00
#
_symmetry.space_group_name_H-M   'C 2 2 21'
#
loop_
_entity.id
_entity.type
_entity.pdbx_description
1 polymer "DNA (5'-D(*TP*AP*CP*GP*CP*AP*AP*AP*CP*GP*TP*TP*TP*GP*CP*GP*T )-3')"
2 polymer 'PURINE REPRESSOR'
3 non-polymer HYPOXANTHINE
4 water water
#
loop_
_entity_poly.entity_id
_entity_poly.type
_entity_poly.pdbx_seq_one_letter_code
_entity_poly.pdbx_strand_id
1 'polydeoxyribonucleotide' (DT)(DA)(DC)(DG)(DC)(DA)(DA)(DA)(DC)(DG)(DT)(DT)(DT)(DG)(DC)(DG)(DT) B
2 'polypeptide(L)'
;ATIKDVAKRANVSTTTVSHVINKTRFVAEETRNAVWAAIKELHYSPSAVARSMKVNHTKSIGLLATSSEAAYFAEIIEAV
EKNCFQKGYTLILGNAWNNLEKQRAYLSMMAQKRVDGLLVMCSEYPEPLLAMLEEYRHIPMVVMDWGEAKADFTDAVIDN
AFEGGYMAGRYLIERGHREIGVIPGPLERNTGAGRLAGFMKAMEEAMIKVPESWIVQGDFEPESGYRAMQQILSQPHRPT
AVFCGGDIMAMGALCAADEMGLRVPQDVSLIGYDNVRNARYFTPALTTIHQPKDSLGETAFNMLLDRIVNKREEPQSIEV
HPRLIERRSVADGPFRDYRR
;
A
#
loop_
_chem_comp.id
_chem_comp.type
_chem_comp.name
_chem_comp.formula
DA DNA linking 2'-DEOXYADENOSINE-5'-MONOPHOSPHATE 'C10 H14 N5 O6 P'
DC DNA linking 2'-DEOXYCYTIDINE-5'-MONOPHOSPHATE 'C9 H14 N3 O7 P'
DG DNA linking 2'-DEOXYGUANOSINE-5'-MONOPHOSPHATE 'C10 H14 N5 O7 P'
DT DNA linking THYMIDINE-5'-MONOPHOSPHATE 'C10 H15 N2 O8 P'
HPA non-polymer HYPOXANTHINE 'C5 H4 N4 O'
#
# COMPACT_ATOMS: atom_id res chain seq x y z
N THR B 2 -28.40 22.83 18.58
CA THR B 2 -29.36 21.75 18.85
C THR B 2 -29.14 21.13 20.25
N ILE B 3 -27.87 21.08 20.69
CA ILE B 3 -27.58 20.60 22.06
C ILE B 3 -28.42 21.47 23.00
N LYS B 4 -28.63 22.74 22.59
CA LYS B 4 -29.44 23.72 23.30
C LYS B 4 -30.85 23.19 23.39
N ASP B 5 -31.38 22.73 22.27
CA ASP B 5 -32.73 22.21 22.32
C ASP B 5 -32.76 20.99 23.17
N VAL B 6 -31.65 20.25 23.22
CA VAL B 6 -31.67 19.05 24.07
C VAL B 6 -31.70 19.48 25.53
N ALA B 7 -30.84 20.42 25.88
CA ALA B 7 -30.78 20.88 27.26
C ALA B 7 -32.15 21.33 27.74
N LYS B 8 -32.86 22.04 26.87
CA LYS B 8 -34.20 22.56 27.16
C LYS B 8 -35.23 21.47 27.47
N ARG B 9 -35.35 20.50 26.56
CA ARG B 9 -36.28 19.42 26.76
C ARG B 9 -35.99 18.78 28.11
N ALA B 10 -34.70 18.68 28.43
CA ALA B 10 -34.26 18.06 29.68
C ALA B 10 -34.21 19.02 30.87
N ASN B 11 -34.46 20.30 30.63
CA ASN B 11 -34.40 21.31 31.67
C ASN B 11 -33.14 21.21 32.48
N VAL B 12 -32.01 21.38 31.80
CA VAL B 12 -30.69 21.37 32.42
C VAL B 12 -29.85 22.13 31.48
N SER B 13 -28.63 22.43 31.89
CA SER B 13 -27.73 23.17 31.04
C SER B 13 -27.11 22.27 29.97
N THR B 14 -26.77 22.91 28.86
CA THR B 14 -26.15 22.22 27.80
C THR B 14 -24.87 21.63 28.38
N THR B 15 -24.21 22.40 29.23
CA THR B 15 -22.97 21.93 29.90
C THR B 15 -23.24 20.54 30.49
N THR B 16 -24.38 20.41 31.17
CA THR B 16 -24.74 19.13 31.74
C THR B 16 -24.79 18.15 30.63
N VAL B 17 -25.68 18.42 29.66
CA VAL B 17 -25.86 17.57 28.49
C VAL B 17 -24.53 17.13 27.94
N SER B 18 -23.63 18.07 27.80
CA SER B 18 -22.35 17.71 27.26
C SER B 18 -21.66 16.70 28.18
N HIS B 19 -21.66 16.96 29.46
CA HIS B 19 -21.00 16.06 30.38
C HIS B 19 -21.52 14.64 30.31
N VAL B 20 -22.82 14.48 30.14
CA VAL B 20 -23.34 13.13 30.07
C VAL B 20 -23.11 12.49 28.74
N ILE B 21 -23.01 13.31 27.71
CA ILE B 21 -22.76 12.77 26.41
C ILE B 21 -21.32 12.31 26.33
N ASN B 22 -20.44 12.93 27.10
CA ASN B 22 -19.07 12.52 27.06
C ASN B 22 -18.57 11.90 28.35
N LYS B 23 -19.50 11.58 29.25
CA LYS B 23 -19.16 10.97 30.56
C LYS B 23 -17.90 11.64 31.09
N THR B 24 -17.91 12.95 31.06
CA THR B 24 -16.77 13.72 31.40
C THR B 24 -16.78 14.30 32.84
N ARG B 25 -17.82 13.98 33.57
CA ARG B 25 -17.94 14.39 34.96
C ARG B 25 -19.20 13.73 35.47
N PHE B 26 -19.28 13.44 36.78
CA PHE B 26 -20.46 12.75 37.33
C PHE B 26 -21.83 13.47 37.17
N VAL B 27 -22.85 12.71 36.82
CA VAL B 27 -24.19 13.31 36.67
C VAL B 27 -25.23 12.44 37.30
N ALA B 28 -26.10 13.04 38.08
CA ALA B 28 -27.18 12.32 38.73
C ALA B 28 -27.84 11.33 37.75
N GLU B 29 -28.24 10.16 38.24
CA GLU B 29 -28.85 9.14 37.38
C GLU B 29 -30.02 9.76 36.69
N GLU B 30 -30.97 10.20 37.50
CA GLU B 30 -32.15 10.87 37.05
C GLU B 30 -31.78 11.78 35.91
N THR B 31 -30.94 12.74 36.25
CA THR B 31 -30.49 13.74 35.34
C THR B 31 -29.97 13.11 34.07
N ARG B 32 -29.01 12.23 34.22
CA ARG B 32 -28.45 11.59 33.08
C ARG B 32 -29.51 10.91 32.21
N ASN B 33 -30.48 10.24 32.82
CA ASN B 33 -31.52 9.60 32.04
C ASN B 33 -32.24 10.63 31.23
N ALA B 34 -32.79 11.61 31.93
CA ALA B 34 -33.54 12.69 31.29
C ALA B 34 -32.83 13.22 30.05
N VAL B 35 -31.53 13.45 30.16
CA VAL B 35 -30.80 13.94 29.04
C VAL B 35 -30.95 12.95 27.90
N TRP B 36 -30.68 11.68 28.18
CA TRP B 36 -30.80 10.68 27.15
C TRP B 36 -32.16 10.75 26.55
N ALA B 37 -33.15 10.80 27.43
CA ALA B 37 -34.55 10.89 27.04
C ALA B 37 -34.73 11.91 25.92
N ALA B 38 -34.38 13.14 26.20
CA ALA B 38 -34.49 14.18 25.22
C ALA B 38 -33.66 13.78 24.03
N ILE B 39 -32.37 13.47 24.29
CA ILE B 39 -31.42 13.09 23.25
C ILE B 39 -32.08 12.19 22.28
N LYS B 40 -32.96 11.35 22.80
CA LYS B 40 -33.60 10.45 21.92
C LYS B 40 -34.79 10.92 21.15
N GLU B 41 -35.79 11.47 21.83
CA GLU B 41 -36.95 11.98 21.10
C GLU B 41 -36.47 13.01 20.11
N LEU B 42 -35.73 13.97 20.62
CA LEU B 42 -35.21 15.01 19.76
C LEU B 42 -34.41 14.42 18.64
N HIS B 43 -34.05 13.15 18.78
CA HIS B 43 -33.29 12.51 17.72
C HIS B 43 -32.00 13.32 17.54
N TYR B 44 -31.14 13.30 18.57
CA TYR B 44 -29.90 14.07 18.57
C TYR B 44 -28.62 13.40 18.04
N SER B 45 -27.90 14.16 17.22
CA SER B 45 -26.63 13.70 16.70
C SER B 45 -25.69 14.83 16.96
N PRO B 46 -24.79 14.61 17.87
CA PRO B 46 -23.84 15.63 18.24
C PRO B 46 -23.10 16.03 17.00
N SER B 47 -22.62 17.26 16.93
CA SER B 47 -21.88 17.67 15.76
C SER B 47 -20.39 17.58 15.95
N ALA B 48 -19.76 16.75 15.15
CA ALA B 48 -18.34 16.59 15.23
C ALA B 48 -17.68 17.84 14.75
N VAL B 49 -18.32 18.54 13.83
CA VAL B 49 -17.64 19.70 13.34
C VAL B 49 -17.51 20.74 14.43
N ALA B 50 -18.62 20.95 15.15
CA ALA B 50 -18.61 21.89 16.26
C ALA B 50 -17.56 21.40 17.22
N ARG B 51 -17.69 20.14 17.63
CA ARG B 51 -16.72 19.55 18.55
C ARG B 51 -15.28 19.77 18.12
N SER B 52 -14.98 19.40 16.89
CA SER B 52 -13.64 19.54 16.38
C SER B 52 -13.17 20.95 16.51
N MET B 53 -14.13 21.89 16.42
CA MET B 53 -13.87 23.33 16.53
C MET B 53 -13.20 23.68 17.84
N LYS B 54 -13.63 23.01 18.91
CA LYS B 54 -13.07 23.28 20.23
C LYS B 54 -11.89 22.38 20.61
N VAL B 55 -12.11 21.06 20.56
CA VAL B 55 -11.11 20.05 20.92
C VAL B 55 -9.84 20.01 20.05
N ASN B 56 -9.93 20.57 18.85
CA ASN B 56 -8.79 20.61 17.93
C ASN B 56 -8.25 19.32 17.36
N HIS B 57 -9.13 18.59 16.68
CA HIS B 57 -8.78 17.34 16.05
C HIS B 57 -10.06 16.75 15.55
N THR B 58 -10.00 16.29 14.33
CA THR B 58 -11.14 15.80 13.62
C THR B 58 -11.32 14.32 13.82
N LYS B 59 -10.27 13.66 14.28
CA LYS B 59 -10.34 12.24 14.46
C LYS B 59 -10.67 11.64 13.04
N SER B 60 -9.92 12.11 12.06
CA SER B 60 -10.08 11.62 10.72
C SER B 60 -8.70 11.65 10.06
N ILE B 61 -8.39 10.60 9.27
CA ILE B 61 -7.10 10.52 8.62
C ILE B 61 -7.20 10.46 7.08
N GLY B 62 -6.27 11.12 6.43
CA GLY B 62 -6.30 11.21 4.99
C GLY B 62 -5.32 10.29 4.29
N LEU B 63 -5.84 9.53 3.35
CA LEU B 63 -5.03 8.64 2.57
C LEU B 63 -4.83 9.29 1.21
N LEU B 64 -3.61 9.74 0.95
CA LEU B 64 -3.29 10.36 -0.33
C LEU B 64 -2.66 9.27 -1.19
N ALA B 65 -3.53 8.50 -1.87
CA ALA B 65 -3.10 7.39 -2.69
C ALA B 65 -2.91 7.69 -4.16
N THR B 66 -2.37 6.70 -4.86
CA THR B 66 -2.15 6.77 -6.30
C THR B 66 -3.43 6.35 -7.04
N SER B 67 -3.95 5.18 -6.70
CA SER B 67 -5.17 4.67 -7.30
C SER B 67 -5.70 3.59 -6.37
N SER B 68 -6.97 3.25 -6.48
CA SER B 68 -7.47 2.24 -5.59
C SER B 68 -8.00 0.93 -6.19
N GLU B 69 -8.11 0.84 -7.53
CA GLU B 69 -8.63 -0.40 -8.15
C GLU B 69 -7.60 -1.49 -8.11
N ALA B 70 -6.38 -1.15 -8.49
CA ALA B 70 -5.27 -2.10 -8.47
C ALA B 70 -5.19 -2.96 -7.19
N ALA B 71 -5.34 -4.27 -7.39
CA ALA B 71 -5.29 -5.26 -6.32
C ALA B 71 -4.33 -4.91 -5.21
N TYR B 72 -3.07 -4.78 -5.59
CA TYR B 72 -2.02 -4.46 -4.64
C TYR B 72 -2.55 -3.34 -3.75
N PHE B 73 -2.77 -2.21 -4.38
CA PHE B 73 -3.30 -1.06 -3.71
C PHE B 73 -4.51 -1.31 -2.88
N ALA B 74 -5.51 -1.87 -3.50
CA ALA B 74 -6.75 -2.11 -2.82
C ALA B 74 -6.58 -2.82 -1.51
N GLU B 75 -5.78 -3.87 -1.54
CA GLU B 75 -5.56 -4.64 -0.37
C GLU B 75 -5.00 -3.81 0.76
N ILE B 76 -3.96 -3.05 0.46
CA ILE B 76 -3.36 -2.17 1.45
C ILE B 76 -4.43 -1.26 2.07
N ILE B 77 -5.13 -0.57 1.21
CA ILE B 77 -6.14 0.32 1.64
C ILE B 77 -7.11 -0.32 2.60
N GLU B 78 -7.72 -1.39 2.16
CA GLU B 78 -8.69 -2.09 3.02
C GLU B 78 -8.12 -2.35 4.42
N ALA B 79 -6.81 -2.53 4.50
CA ALA B 79 -6.17 -2.81 5.76
C ALA B 79 -6.18 -1.55 6.59
N VAL B 80 -5.65 -0.49 6.00
CA VAL B 80 -5.62 0.78 6.63
C VAL B 80 -7.00 1.16 7.17
N GLU B 81 -8.03 1.01 6.35
CA GLU B 81 -9.36 1.36 6.82
C GLU B 81 -9.72 0.59 8.08
N LYS B 82 -9.42 -0.72 8.09
CA LYS B 82 -9.74 -1.58 9.24
C LYS B 82 -9.21 -0.92 10.51
N ASN B 83 -7.97 -0.51 10.44
CA ASN B 83 -7.28 0.10 11.54
C ASN B 83 -7.89 1.42 12.00
N CYS B 84 -8.26 2.26 11.06
CA CYS B 84 -8.89 3.52 11.41
C CYS B 84 -10.16 3.24 12.14
N PHE B 85 -10.98 2.41 11.53
CA PHE B 85 -12.24 2.09 12.15
C PHE B 85 -12.14 1.66 13.58
N GLN B 86 -11.26 0.72 13.85
CA GLN B 86 -11.17 0.23 15.21
C GLN B 86 -10.56 1.14 16.25
N LYS B 87 -9.75 2.10 15.81
CA LYS B 87 -9.21 3.09 16.74
C LYS B 87 -10.02 4.39 16.59
N GLY B 88 -11.29 4.24 16.21
CA GLY B 88 -12.19 5.38 16.03
C GLY B 88 -12.00 6.39 14.87
N TYR B 89 -10.94 6.26 14.06
CA TYR B 89 -10.74 7.19 12.95
C TYR B 89 -11.65 7.03 11.70
N THR B 90 -11.77 8.12 10.95
CA THR B 90 -12.57 8.19 9.74
C THR B 90 -11.60 8.32 8.56
N LEU B 91 -11.79 7.53 7.50
CA LEU B 91 -10.84 7.61 6.37
C LEU B 91 -11.29 8.41 5.18
N ILE B 92 -10.44 9.32 4.74
CA ILE B 92 -10.75 10.09 3.58
C ILE B 92 -9.77 9.57 2.57
N LEU B 93 -10.31 8.87 1.57
CA LEU B 93 -9.47 8.29 0.56
C LEU B 93 -9.31 9.28 -0.59
N GLY B 94 -8.09 9.61 -0.98
CA GLY B 94 -7.92 10.52 -2.12
C GLY B 94 -6.93 9.95 -3.17
N ASN B 95 -7.39 9.73 -4.42
CA ASN B 95 -6.51 9.18 -5.50
C ASN B 95 -5.97 10.29 -6.40
N ALA B 96 -4.66 10.43 -6.46
CA ALA B 96 -4.02 11.48 -7.26
C ALA B 96 -3.48 11.08 -8.58
N TRP B 97 -3.52 9.77 -8.86
CA TRP B 97 -3.09 9.28 -10.13
C TRP B 97 -1.77 9.80 -10.60
N ASN B 98 -0.84 9.98 -9.69
CA ASN B 98 0.46 10.45 -10.07
C ASN B 98 0.37 11.79 -10.76
N ASN B 99 -0.63 12.59 -10.41
CA ASN B 99 -0.78 13.87 -11.04
C ASN B 99 -0.42 14.90 -10.03
N LEU B 100 0.61 15.68 -10.33
CA LEU B 100 1.06 16.72 -9.42
C LEU B 100 -0.08 17.65 -9.04
N GLU B 101 -0.75 18.17 -10.04
CA GLU B 101 -1.87 19.08 -9.81
C GLU B 101 -2.90 18.40 -8.96
N LYS B 102 -3.20 17.16 -9.31
CA LYS B 102 -4.17 16.41 -8.58
C LYS B 102 -3.65 16.25 -7.15
N GLN B 103 -2.36 16.09 -6.99
CA GLN B 103 -1.87 15.93 -5.66
C GLN B 103 -1.89 17.20 -4.87
N ARG B 104 -1.45 18.28 -5.50
CA ARG B 104 -1.46 19.57 -4.80
C ARG B 104 -2.86 19.88 -4.30
N ALA B 105 -3.86 19.41 -5.02
CA ALA B 105 -5.25 19.62 -4.66
C ALA B 105 -5.70 18.83 -3.43
N TYR B 106 -5.65 17.52 -3.54
CA TYR B 106 -6.08 16.66 -2.47
C TYR B 106 -5.35 17.02 -1.20
N LEU B 107 -4.07 17.35 -1.36
CA LEU B 107 -3.25 17.72 -0.24
C LEU B 107 -3.90 18.90 0.45
N SER B 108 -4.23 19.90 -0.35
CA SER B 108 -4.86 21.08 0.18
C SER B 108 -6.22 20.83 0.81
N MET B 109 -7.11 20.17 0.09
CA MET B 109 -8.43 19.91 0.63
C MET B 109 -8.27 19.24 1.97
N MET B 110 -7.30 18.37 2.04
CA MET B 110 -7.06 17.64 3.26
C MET B 110 -6.68 18.52 4.45
N ALA B 111 -5.68 19.37 4.24
CA ALA B 111 -5.21 20.28 5.28
C ALA B 111 -6.40 21.11 5.76
N GLN B 112 -7.15 21.58 4.79
CA GLN B 112 -8.29 22.35 5.08
C GLN B 112 -9.31 21.60 5.90
N LYS B 113 -9.55 20.33 5.57
CA LYS B 113 -10.51 19.59 6.37
C LYS B 113 -9.82 19.21 7.70
N ARG B 114 -8.57 19.67 7.84
CA ARG B 114 -7.82 19.45 9.06
C ARG B 114 -7.77 17.98 9.46
N VAL B 115 -7.13 17.18 8.66
CA VAL B 115 -7.04 15.79 8.99
C VAL B 115 -5.99 15.62 10.11
N ASP B 116 -6.31 14.78 11.10
CA ASP B 116 -5.41 14.55 12.25
C ASP B 116 -3.99 14.09 11.83
N GLY B 117 -3.92 13.34 10.73
CA GLY B 117 -2.64 12.82 10.20
C GLY B 117 -2.82 12.44 8.71
N LEU B 118 -1.70 12.23 8.02
CA LEU B 118 -1.72 11.91 6.61
C LEU B 118 -0.97 10.66 6.23
N LEU B 119 -1.66 9.74 5.57
CA LEU B 119 -1.04 8.51 5.05
C LEU B 119 -0.70 8.76 3.57
N VAL B 120 0.56 8.54 3.19
CA VAL B 120 1.01 8.82 1.80
C VAL B 120 1.44 7.64 0.91
N MET B 121 0.76 7.46 -0.22
CA MET B 121 1.12 6.39 -1.18
C MET B 121 1.10 6.89 -2.61
N CYS B 122 2.13 7.64 -2.95
CA CYS B 122 2.21 8.25 -4.27
C CYS B 122 2.94 7.52 -5.38
N SER B 123 3.60 6.41 -5.06
CA SER B 123 4.32 5.65 -6.07
C SER B 123 5.55 6.37 -6.49
N GLU B 124 5.41 7.51 -7.16
CA GLU B 124 6.61 8.22 -7.57
C GLU B 124 6.75 9.57 -6.89
N TYR B 125 7.99 9.92 -6.53
CA TYR B 125 8.28 11.16 -5.78
C TYR B 125 9.34 12.08 -6.38
N PRO B 126 8.90 12.96 -7.24
CA PRO B 126 9.81 13.91 -7.86
C PRO B 126 10.07 15.01 -6.84
N GLU B 127 11.12 15.78 -7.07
CA GLU B 127 11.46 16.85 -6.16
C GLU B 127 10.23 17.72 -5.95
N PRO B 128 9.58 18.06 -7.04
CA PRO B 128 8.38 18.86 -6.97
C PRO B 128 7.37 18.24 -6.00
N LEU B 129 7.31 16.92 -5.92
CA LEU B 129 6.37 16.32 -4.99
C LEU B 129 6.92 16.34 -3.59
N LEU B 130 8.21 16.04 -3.48
CA LEU B 130 8.85 16.03 -2.18
C LEU B 130 8.62 17.42 -1.60
N ALA B 131 8.68 18.43 -2.46
CA ALA B 131 8.48 19.82 -2.08
C ALA B 131 7.13 20.12 -1.41
N MET B 132 6.04 19.88 -2.13
CA MET B 132 4.72 20.14 -1.57
C MET B 132 4.56 19.44 -0.24
N LEU B 133 4.93 18.17 -0.21
CA LEU B 133 4.82 17.38 0.99
C LEU B 133 5.46 18.09 2.17
N GLU B 134 6.61 18.69 1.95
CA GLU B 134 7.28 19.42 3.01
C GLU B 134 6.44 20.58 3.54
N GLU B 135 5.79 21.31 2.64
CA GLU B 135 4.96 22.43 3.03
C GLU B 135 3.93 22.04 4.03
N TYR B 136 3.76 20.74 4.21
CA TYR B 136 2.80 20.28 5.19
C TYR B 136 3.44 19.54 6.32
N ARG B 137 4.74 19.77 6.54
CA ARG B 137 5.40 19.06 7.64
C ARG B 137 4.63 19.26 8.97
N HIS B 138 3.79 20.28 9.00
CA HIS B 138 3.04 20.50 10.18
C HIS B 138 2.03 19.40 10.42
N ILE B 139 1.46 18.84 9.38
CA ILE B 139 0.53 17.78 9.63
C ILE B 139 1.26 16.43 9.67
N PRO B 140 1.06 15.70 10.76
CA PRO B 140 1.72 14.40 10.98
C PRO B 140 1.46 13.43 9.85
N MET B 141 2.53 12.87 9.29
CA MET B 141 2.35 11.96 8.19
C MET B 141 3.40 10.91 7.95
N VAL B 142 2.98 9.76 7.44
CA VAL B 142 3.95 8.72 7.08
C VAL B 142 3.76 8.28 5.61
N VAL B 143 4.87 8.01 4.92
CA VAL B 143 4.77 7.54 3.55
C VAL B 143 5.02 6.03 3.58
N MET B 144 4.10 5.27 2.98
CA MET B 144 4.17 3.83 3.02
C MET B 144 4.81 3.17 1.82
N ASP B 145 5.54 3.91 1.00
CA ASP B 145 6.09 3.28 -0.18
C ASP B 145 7.45 3.65 -0.70
N TRP B 146 8.36 4.04 0.18
CA TRP B 146 9.69 4.37 -0.24
C TRP B 146 10.53 3.14 0.11
N GLY B 147 11.77 3.11 -0.35
CA GLY B 147 12.62 1.98 -0.07
C GLY B 147 13.60 2.38 1.00
N GLU B 148 14.05 3.62 0.91
CA GLU B 148 14.94 4.19 1.89
C GLU B 148 14.13 5.37 2.37
N ALA B 149 14.69 6.17 3.27
CA ALA B 149 14.00 7.35 3.80
C ALA B 149 14.33 8.62 3.02
N LYS B 150 13.55 8.89 1.99
CA LYS B 150 13.72 10.07 1.16
C LYS B 150 13.80 11.38 1.96
N ALA B 151 13.02 11.50 3.01
CA ALA B 151 13.05 12.74 3.78
C ALA B 151 13.02 12.59 5.27
N ASP B 152 13.29 13.72 5.92
CA ASP B 152 13.38 13.81 7.37
C ASP B 152 12.08 14.24 8.10
N PHE B 153 11.16 14.86 7.37
CA PHE B 153 9.95 15.33 8.00
C PHE B 153 8.81 14.34 8.00
N THR B 154 9.11 13.06 7.87
CA THR B 154 8.05 12.06 7.82
C THR B 154 8.45 10.73 8.33
N ASP B 155 7.47 9.90 8.65
CA ASP B 155 7.75 8.55 9.09
C ASP B 155 7.80 7.64 7.86
N ALA B 156 8.36 6.47 7.99
CA ALA B 156 8.47 5.62 6.83
C ALA B 156 8.49 4.19 7.16
N VAL B 157 7.73 3.43 6.39
CA VAL B 157 7.72 2.01 6.55
C VAL B 157 8.42 1.53 5.31
N ILE B 158 9.47 0.73 5.46
CA ILE B 158 10.21 0.22 4.29
C ILE B 158 10.01 -1.29 4.05
N ASP B 159 9.66 -1.62 2.80
CA ASP B 159 9.32 -2.99 2.39
C ASP B 159 10.42 -3.97 2.07
N ASN B 160 11.64 -3.51 1.93
CA ASN B 160 12.72 -4.45 1.65
C ASN B 160 12.49 -5.10 0.31
N ALA B 161 12.10 -4.26 -0.63
CA ALA B 161 11.82 -4.66 -1.99
C ALA B 161 13.04 -5.19 -2.70
N PHE B 162 14.22 -4.89 -2.18
CA PHE B 162 15.46 -5.34 -2.81
C PHE B 162 15.74 -6.79 -2.45
N GLU B 163 15.69 -7.11 -1.18
CA GLU B 163 15.89 -8.46 -0.74
C GLU B 163 14.78 -9.32 -1.36
N GLY B 164 13.70 -8.68 -1.78
CA GLY B 164 12.61 -9.39 -2.42
C GLY B 164 13.11 -9.82 -3.80
N GLY B 165 13.58 -8.82 -4.56
CA GLY B 165 14.12 -9.07 -5.89
C GLY B 165 15.16 -10.21 -5.83
N TYR B 166 16.08 -10.14 -4.86
CA TYR B 166 17.12 -11.13 -4.68
C TYR B 166 16.52 -12.50 -4.39
N MET B 167 15.55 -12.57 -3.50
CA MET B 167 14.94 -13.84 -3.21
C MET B 167 14.46 -14.50 -4.50
N ALA B 168 13.74 -13.74 -5.31
CA ALA B 168 13.22 -14.26 -6.56
C ALA B 168 14.29 -14.82 -7.50
N GLY B 169 15.28 -14.02 -7.81
CA GLY B 169 16.34 -14.50 -8.68
C GLY B 169 16.90 -15.83 -8.12
N ARG B 170 17.38 -15.76 -6.87
CA ARG B 170 17.95 -16.92 -6.15
C ARG B 170 17.19 -18.21 -6.45
N TYR B 171 15.89 -18.18 -6.19
CA TYR B 171 15.02 -19.33 -6.42
C TYR B 171 15.19 -19.84 -7.84
N LEU B 172 15.01 -18.95 -8.79
CA LEU B 172 15.14 -19.32 -10.16
C LEU B 172 16.48 -20.01 -10.41
N ILE B 173 17.52 -19.46 -9.82
CA ILE B 173 18.84 -19.99 -9.99
C ILE B 173 18.90 -21.36 -9.41
N GLU B 174 18.49 -21.45 -8.17
CA GLU B 174 18.53 -22.71 -7.48
C GLU B 174 17.64 -23.73 -8.12
N ARG B 175 16.78 -23.28 -9.00
CA ARG B 175 15.87 -24.20 -9.65
C ARG B 175 16.43 -24.85 -10.90
N GLY B 176 17.57 -24.35 -11.38
CA GLY B 176 18.22 -24.91 -12.54
C GLY B 176 18.19 -23.98 -13.69
N HIS B 177 17.71 -22.78 -13.45
CA HIS B 177 17.60 -21.79 -14.51
C HIS B 177 18.79 -20.87 -14.63
N ARG B 178 19.14 -20.56 -15.88
CA ARG B 178 20.28 -19.69 -16.17
C ARG B 178 19.98 -18.76 -17.32
N GLU B 179 18.80 -18.95 -17.94
CA GLU B 179 18.36 -18.10 -19.04
C GLU B 179 17.03 -17.53 -18.61
N ILE B 180 17.15 -16.37 -17.95
CA ILE B 180 16.05 -15.68 -17.34
C ILE B 180 15.75 -14.31 -17.90
N GLY B 181 14.48 -13.99 -17.93
CA GLY B 181 14.04 -12.72 -18.41
C GLY B 181 13.34 -12.00 -17.29
N VAL B 182 13.18 -10.69 -17.45
CA VAL B 182 12.54 -9.89 -16.46
C VAL B 182 11.69 -8.75 -17.03
N ILE B 183 10.51 -8.62 -16.48
CA ILE B 183 9.59 -7.59 -16.85
C ILE B 183 9.35 -6.80 -15.56
N PRO B 184 10.11 -5.73 -15.38
CA PRO B 184 9.98 -4.94 -14.17
C PRO B 184 8.90 -3.90 -14.28
N GLY B 185 8.60 -3.26 -13.16
CA GLY B 185 7.60 -2.22 -13.11
C GLY B 185 8.36 -0.91 -13.24
N PRO B 186 7.62 0.19 -13.31
CA PRO B 186 8.20 1.52 -13.46
C PRO B 186 9.39 1.75 -12.55
N LEU B 187 10.50 2.14 -13.17
CA LEU B 187 11.72 2.38 -12.43
C LEU B 187 11.65 3.61 -11.54
N GLU B 188 10.59 4.39 -11.69
CA GLU B 188 10.46 5.58 -10.88
C GLU B 188 9.77 5.24 -9.59
N ARG B 189 9.55 3.95 -9.36
CA ARG B 189 8.91 3.44 -8.15
C ARG B 189 9.80 2.46 -7.43
N ASN B 190 9.61 2.35 -6.13
CA ASN B 190 10.40 1.45 -5.32
C ASN B 190 10.17 0.00 -5.78
N THR B 191 8.91 -0.44 -5.72
CA THR B 191 8.52 -1.78 -6.12
C THR B 191 8.99 -2.09 -7.54
N GLY B 192 9.37 -1.03 -8.27
CA GLY B 192 9.88 -1.17 -9.63
C GLY B 192 11.39 -1.37 -9.57
N ALA B 193 12.12 -0.27 -9.67
CA ALA B 193 13.59 -0.30 -9.62
C ALA B 193 14.16 -1.15 -8.49
N GLY B 194 13.55 -1.05 -7.33
CA GLY B 194 14.02 -1.77 -6.18
C GLY B 194 13.96 -3.27 -6.26
N ARG B 195 12.90 -3.78 -6.86
CA ARG B 195 12.75 -5.21 -6.97
C ARG B 195 13.71 -5.69 -8.05
N LEU B 196 13.85 -4.89 -9.10
CA LEU B 196 14.70 -5.22 -10.21
C LEU B 196 16.10 -5.42 -9.83
N ALA B 197 16.59 -4.51 -9.01
CA ALA B 197 17.97 -4.56 -8.60
C ALA B 197 18.30 -5.71 -7.67
N GLY B 198 17.37 -6.07 -6.79
CA GLY B 198 17.60 -7.18 -5.89
C GLY B 198 17.81 -8.38 -6.80
N PHE B 199 16.99 -8.46 -7.83
CA PHE B 199 17.05 -9.51 -8.84
C PHE B 199 18.34 -9.43 -9.58
N MET B 200 18.68 -8.26 -10.04
CA MET B 200 19.89 -8.17 -10.79
C MET B 200 21.15 -8.60 -10.03
N LYS B 201 21.22 -8.31 -8.73
CA LYS B 201 22.40 -8.68 -7.93
C LYS B 201 22.58 -10.19 -7.86
N ALA B 202 21.50 -10.90 -7.60
CA ALA B 202 21.60 -12.34 -7.54
C ALA B 202 22.19 -12.89 -8.87
N MET B 203 21.76 -12.31 -10.00
CA MET B 203 22.24 -12.71 -11.31
C MET B 203 23.74 -12.53 -11.38
N GLU B 204 24.20 -11.31 -11.12
CA GLU B 204 25.63 -11.02 -11.16
C GLU B 204 26.32 -11.97 -10.24
N GLU B 205 25.75 -12.16 -9.08
CA GLU B 205 26.33 -13.04 -8.10
C GLU B 205 26.51 -14.39 -8.72
N ALA B 206 25.62 -14.75 -9.62
CA ALA B 206 25.70 -16.04 -10.26
C ALA B 206 26.31 -15.97 -11.61
N MET B 207 26.89 -14.84 -11.95
CA MET B 207 27.52 -14.70 -13.26
C MET B 207 26.51 -14.92 -14.37
N ILE B 208 25.26 -14.58 -14.11
CA ILE B 208 24.24 -14.69 -15.11
C ILE B 208 24.11 -13.32 -15.70
N LYS B 209 23.88 -13.26 -17.00
CA LYS B 209 23.78 -12.00 -17.72
C LYS B 209 22.47 -11.94 -18.47
N VAL B 210 21.60 -11.03 -18.08
CA VAL B 210 20.35 -10.94 -18.75
C VAL B 210 20.50 -10.07 -20.01
N PRO B 211 20.25 -10.66 -21.16
CA PRO B 211 20.33 -9.95 -22.44
C PRO B 211 19.26 -8.85 -22.40
N GLU B 212 19.62 -7.66 -22.87
CA GLU B 212 18.68 -6.54 -22.82
C GLU B 212 17.41 -6.80 -23.59
N SER B 213 17.47 -7.76 -24.51
CA SER B 213 16.32 -8.12 -25.30
C SER B 213 15.41 -8.87 -24.41
N TRP B 214 15.89 -9.14 -23.22
CA TRP B 214 15.15 -9.93 -22.26
C TRP B 214 14.58 -9.21 -21.05
N ILE B 215 14.67 -7.89 -21.02
CA ILE B 215 14.08 -7.15 -19.91
C ILE B 215 13.13 -6.13 -20.50
N VAL B 216 11.88 -6.21 -20.12
CA VAL B 216 10.88 -5.33 -20.69
C VAL B 216 10.02 -4.68 -19.62
N GLN B 217 10.01 -3.35 -19.65
CA GLN B 217 9.27 -2.55 -18.69
C GLN B 217 7.81 -2.87 -18.76
N GLY B 218 7.17 -2.84 -17.60
CA GLY B 218 5.75 -3.03 -17.47
C GLY B 218 5.27 -1.77 -16.72
N ASP B 219 3.99 -1.73 -16.37
CA ASP B 219 3.48 -0.59 -15.64
C ASP B 219 2.60 -1.09 -14.49
N PHE B 220 2.72 -2.38 -14.21
CA PHE B 220 1.94 -3.09 -13.16
C PHE B 220 0.56 -3.52 -13.63
N GLU B 221 0.20 -3.14 -14.85
CA GLU B 221 -1.10 -3.54 -15.38
C GLU B 221 -1.00 -4.75 -16.33
N PRO B 222 -1.95 -5.66 -16.17
CA PRO B 222 -2.01 -6.91 -16.95
C PRO B 222 -1.63 -6.74 -18.41
N GLU B 223 -2.14 -5.70 -19.04
CA GLU B 223 -1.79 -5.52 -20.43
C GLU B 223 -0.30 -5.40 -20.62
N SER B 224 0.36 -4.62 -19.77
CA SER B 224 1.80 -4.46 -19.95
C SER B 224 2.52 -5.78 -19.83
N GLY B 225 1.96 -6.67 -19.02
CA GLY B 225 2.52 -8.01 -18.82
C GLY B 225 2.34 -8.81 -20.09
N TYR B 226 1.12 -8.77 -20.59
CA TYR B 226 0.79 -9.43 -21.82
C TYR B 226 1.82 -9.03 -22.91
N ARG B 227 1.91 -7.73 -23.20
CA ARG B 227 2.86 -7.29 -24.20
C ARG B 227 4.31 -7.74 -23.96
N ALA B 228 4.80 -7.59 -22.73
CA ALA B 228 6.18 -8.01 -22.44
C ALA B 228 6.42 -9.51 -22.76
N MET B 229 5.62 -10.38 -22.17
CA MET B 229 5.76 -11.82 -22.38
C MET B 229 5.86 -12.07 -23.85
N GLN B 230 4.90 -11.52 -24.58
CA GLN B 230 4.85 -11.62 -26.03
C GLN B 230 6.19 -11.30 -26.61
N GLN B 231 6.62 -10.08 -26.41
CA GLN B 231 7.90 -9.65 -26.91
C GLN B 231 8.98 -10.65 -26.52
N ILE B 232 8.98 -11.09 -25.27
CA ILE B 232 10.01 -12.03 -24.82
C ILE B 232 10.03 -13.38 -25.55
N LEU B 233 8.92 -14.11 -25.53
CA LEU B 233 8.86 -15.39 -26.19
C LEU B 233 8.82 -15.23 -27.69
N SER B 234 8.51 -14.02 -28.16
CA SER B 234 8.43 -13.75 -29.59
C SER B 234 9.76 -13.58 -30.28
N GLN B 235 10.84 -14.01 -29.63
CA GLN B 235 12.14 -13.90 -30.24
C GLN B 235 12.89 -15.23 -30.51
N PRO B 236 13.93 -15.18 -31.39
CA PRO B 236 14.62 -16.39 -31.75
C PRO B 236 15.02 -17.24 -30.57
N HIS B 237 15.80 -16.62 -29.71
CA HIS B 237 16.30 -17.25 -28.53
C HIS B 237 15.46 -16.76 -27.35
N ARG B 238 14.88 -17.67 -26.59
CA ARG B 238 14.07 -17.25 -25.46
C ARG B 238 14.49 -17.87 -24.12
N PRO B 239 14.23 -17.17 -23.02
CA PRO B 239 14.61 -17.68 -21.73
C PRO B 239 13.72 -18.84 -21.32
N THR B 240 14.08 -19.47 -20.20
CA THR B 240 13.34 -20.61 -19.68
C THR B 240 12.61 -20.19 -18.47
N ALA B 241 12.87 -18.98 -18.05
CA ALA B 241 12.25 -18.49 -16.87
C ALA B 241 12.15 -16.99 -16.89
N VAL B 242 11.06 -16.50 -16.32
CA VAL B 242 10.84 -15.09 -16.25
C VAL B 242 10.41 -14.63 -14.90
N PHE B 243 11.04 -13.55 -14.46
CA PHE B 243 10.70 -12.93 -13.22
C PHE B 243 9.84 -11.73 -13.57
N CYS B 244 8.61 -11.74 -13.06
CA CYS B 244 7.63 -10.66 -13.33
C CYS B 244 7.37 -9.72 -12.10
N GLY B 245 7.84 -8.47 -12.20
CA GLY B 245 7.73 -7.43 -11.16
C GLY B 245 6.46 -7.35 -10.28
N GLY B 246 5.33 -7.86 -10.76
CA GLY B 246 4.07 -7.82 -9.99
C GLY B 246 3.06 -8.93 -10.42
N ASP B 247 2.24 -9.39 -9.48
CA ASP B 247 1.29 -10.43 -9.80
C ASP B 247 0.30 -10.15 -10.96
N ILE B 248 -0.36 -9.01 -10.89
CA ILE B 248 -1.31 -8.66 -11.93
C ILE B 248 -0.69 -8.63 -13.33
N MET B 249 0.51 -8.13 -13.43
CA MET B 249 1.18 -8.13 -14.72
C MET B 249 1.44 -9.63 -15.08
N ALA B 250 1.81 -10.40 -14.07
CA ALA B 250 2.14 -11.78 -14.31
C ALA B 250 0.92 -12.45 -14.85
N MET B 251 -0.20 -12.10 -14.28
CA MET B 251 -1.42 -12.71 -14.70
C MET B 251 -1.54 -12.40 -16.18
N GLY B 252 -1.08 -11.24 -16.54
CA GLY B 252 -1.13 -10.88 -17.95
C GLY B 252 -0.10 -11.67 -18.73
N ALA B 253 1.04 -11.94 -18.10
CA ALA B 253 2.09 -12.69 -18.75
C ALA B 253 1.66 -14.14 -18.99
N LEU B 254 0.76 -14.63 -18.13
CA LEU B 254 0.29 -15.98 -18.25
C LEU B 254 -0.58 -16.16 -19.48
N CYS B 255 -1.58 -15.30 -19.61
CA CYS B 255 -2.55 -15.31 -20.72
C CYS B 255 -1.89 -15.32 -22.13
N ALA B 256 -0.85 -14.51 -22.30
CA ALA B 256 -0.15 -14.44 -23.58
C ALA B 256 0.59 -15.74 -23.93
N ALA B 257 1.24 -16.35 -22.94
CA ALA B 257 1.96 -17.59 -23.19
C ALA B 257 0.93 -18.56 -23.68
N ASP B 258 -0.16 -18.65 -22.94
CA ASP B 258 -1.24 -19.53 -23.31
C ASP B 258 -1.69 -19.22 -24.70
N GLU B 259 -1.86 -17.95 -24.99
CA GLU B 259 -2.32 -17.59 -26.32
C GLU B 259 -1.33 -17.95 -27.44
N MET B 260 -0.05 -18.02 -27.09
CA MET B 260 0.97 -18.39 -28.04
C MET B 260 1.17 -19.88 -27.94
N GLY B 261 0.29 -20.56 -27.24
CA GLY B 261 0.39 -22.00 -27.10
C GLY B 261 1.57 -22.50 -26.28
N LEU B 262 2.22 -21.60 -25.53
CA LEU B 262 3.34 -21.99 -24.63
C LEU B 262 2.75 -22.49 -23.32
N ARG B 263 3.28 -23.58 -22.80
CA ARG B 263 2.81 -24.18 -21.56
C ARG B 263 3.55 -23.57 -20.36
N VAL B 264 2.85 -23.33 -19.27
CA VAL B 264 3.56 -22.80 -18.10
C VAL B 264 3.18 -23.66 -16.96
N PRO B 265 4.13 -24.21 -16.19
CA PRO B 265 5.57 -23.90 -16.24
C PRO B 265 6.37 -24.73 -17.19
N GLN B 266 5.74 -25.65 -17.87
CA GLN B 266 6.46 -26.54 -18.78
C GLN B 266 7.26 -25.93 -19.90
N ASP B 267 6.83 -24.82 -20.42
CA ASP B 267 7.59 -24.17 -21.48
C ASP B 267 8.40 -23.00 -20.95
N VAL B 268 7.76 -22.23 -20.06
CA VAL B 268 8.41 -21.08 -19.39
C VAL B 268 7.95 -21.14 -17.99
N SER B 269 8.84 -20.83 -17.08
CA SER B 269 8.48 -20.80 -15.69
C SER B 269 8.25 -19.31 -15.39
N LEU B 270 7.37 -19.04 -14.47
CA LEU B 270 7.09 -17.65 -14.14
C LEU B 270 7.07 -17.44 -12.67
N ILE B 271 7.76 -16.44 -12.21
CA ILE B 271 7.66 -16.14 -10.79
C ILE B 271 7.22 -14.69 -10.76
N GLY B 272 6.26 -14.37 -9.90
CA GLY B 272 5.76 -13.00 -9.83
C GLY B 272 6.19 -12.28 -8.57
N TYR B 273 5.38 -11.34 -8.14
CA TYR B 273 5.71 -10.60 -6.94
C TYR B 273 4.55 -9.79 -6.46
N ASP B 274 4.20 -10.02 -5.19
CA ASP B 274 3.14 -9.30 -4.42
C ASP B 274 2.35 -10.28 -3.59
N ASN B 275 2.10 -11.43 -4.16
CA ASN B 275 1.27 -12.42 -3.55
C ASN B 275 -0.06 -11.78 -3.26
N VAL B 276 -0.71 -11.34 -4.33
CA VAL B 276 -2.03 -10.72 -4.24
C VAL B 276 -3.09 -11.74 -3.81
N ARG B 277 -4.11 -11.25 -3.12
CA ARG B 277 -5.19 -12.10 -2.66
C ARG B 277 -5.63 -13.27 -3.52
N ASN B 278 -5.60 -13.13 -4.83
CA ASN B 278 -6.00 -14.28 -5.62
C ASN B 278 -5.06 -14.83 -6.67
N ALA B 279 -3.77 -14.76 -6.36
CA ALA B 279 -2.75 -15.30 -7.23
C ALA B 279 -2.80 -16.85 -7.18
N ARG B 280 -3.35 -17.37 -6.08
CA ARG B 280 -3.43 -18.81 -5.91
C ARG B 280 -4.35 -19.38 -6.93
N TYR B 281 -5.29 -18.57 -7.34
CA TYR B 281 -6.24 -19.02 -8.27
C TYR B 281 -5.89 -18.54 -9.66
N PHE B 282 -4.65 -18.09 -9.85
CA PHE B 282 -4.20 -17.73 -11.17
C PHE B 282 -4.09 -19.13 -11.79
N THR B 283 -3.99 -19.21 -13.08
CA THR B 283 -3.95 -20.56 -13.66
C THR B 283 -2.69 -20.74 -14.41
N PRO B 284 -1.69 -21.48 -13.91
CA PRO B 284 -1.47 -22.18 -12.69
C PRO B 284 -1.33 -21.34 -11.47
N ALA B 285 -1.48 -21.94 -10.29
CA ALA B 285 -1.33 -21.21 -9.04
C ALA B 285 0.05 -20.61 -9.07
N LEU B 286 0.06 -19.30 -9.01
CA LEU B 286 1.26 -18.52 -9.12
C LEU B 286 2.26 -18.57 -8.02
N THR B 287 3.48 -18.88 -8.35
CA THR B 287 4.54 -18.90 -7.37
C THR B 287 4.99 -17.43 -7.30
N THR B 288 5.04 -16.87 -6.09
CA THR B 288 5.45 -15.47 -5.99
C THR B 288 6.04 -15.04 -4.67
N ILE B 289 6.62 -13.84 -4.67
CA ILE B 289 7.13 -13.26 -3.46
C ILE B 289 5.97 -12.52 -2.78
N HIS B 290 5.70 -12.87 -1.54
CA HIS B 290 4.61 -12.23 -0.84
C HIS B 290 5.05 -11.00 -0.10
N GLN B 291 4.27 -9.94 -0.25
CA GLN B 291 4.52 -8.69 0.45
C GLN B 291 3.46 -8.60 1.48
N PRO B 292 3.88 -8.41 2.72
CA PRO B 292 2.94 -8.28 3.83
C PRO B 292 2.24 -6.95 3.63
N LYS B 293 1.02 -6.98 3.16
CA LYS B 293 0.34 -5.74 2.93
C LYS B 293 -0.45 -5.28 4.16
N ASP B 294 -1.08 -6.23 4.84
CA ASP B 294 -1.83 -5.97 6.08
C ASP B 294 -0.94 -5.29 7.13
N SER B 295 0.27 -5.79 7.29
CA SER B 295 1.21 -5.26 8.25
C SER B 295 1.68 -3.96 7.72
N LEU B 296 1.77 -3.88 6.41
CA LEU B 296 2.21 -2.64 5.81
C LEU B 296 1.23 -1.55 6.21
N GLY B 297 -0.05 -1.88 6.25
CA GLY B 297 -1.05 -0.88 6.62
C GLY B 297 -1.09 -0.61 8.11
N GLU B 298 -1.23 -1.68 8.89
CA GLU B 298 -1.31 -1.56 10.31
C GLU B 298 -0.09 -0.88 10.84
N THR B 299 1.03 -1.27 10.32
CA THR B 299 2.22 -0.65 10.81
C THR B 299 2.29 0.84 10.43
N ALA B 300 1.66 1.22 9.32
CA ALA B 300 1.67 2.63 8.92
C ALA B 300 0.75 3.43 9.84
N PHE B 301 -0.46 2.92 10.04
CA PHE B 301 -1.43 3.58 10.88
C PHE B 301 -0.84 3.81 12.24
N ASN B 302 -0.06 2.85 12.67
CA ASN B 302 0.53 2.91 13.98
C ASN B 302 1.57 3.99 14.24
N MET B 303 2.52 4.15 13.34
CA MET B 303 3.50 5.18 13.53
C MET B 303 2.75 6.51 13.60
N LEU B 304 1.78 6.68 12.70
CA LEU B 304 0.97 7.87 12.66
C LEU B 304 0.29 8.12 13.99
N LEU B 305 -0.55 7.19 14.42
CA LEU B 305 -1.24 7.33 15.68
C LEU B 305 -0.28 7.77 16.76
N ASP B 306 0.89 7.17 16.74
CA ASP B 306 1.93 7.51 17.69
C ASP B 306 2.18 9.00 17.61
N ARG B 307 2.69 9.40 16.45
CA ARG B 307 3.03 10.79 16.20
C ARG B 307 1.89 11.65 16.66
N ILE B 308 0.70 11.22 16.33
CA ILE B 308 -0.46 11.96 16.71
C ILE B 308 -0.55 11.97 18.20
N VAL B 309 -1.11 10.93 18.77
CA VAL B 309 -1.27 10.87 20.21
C VAL B 309 -0.11 11.19 21.12
N ASN B 310 1.06 10.60 20.92
CA ASN B 310 2.20 10.91 21.79
C ASN B 310 3.05 12.02 21.24
N LYS B 311 2.42 12.89 20.48
CA LYS B 311 3.07 14.03 19.85
C LYS B 311 4.54 13.86 19.41
N ARG B 312 4.88 12.71 18.82
CA ARG B 312 6.26 12.50 18.39
C ARG B 312 6.74 13.50 17.35
N GLU B 313 8.00 13.86 17.45
CA GLU B 313 8.58 14.87 16.61
C GLU B 313 9.56 14.35 15.61
N GLU B 314 10.32 13.37 16.04
CA GLU B 314 11.32 12.80 15.17
C GLU B 314 10.79 11.74 14.26
N PRO B 315 11.35 11.75 13.06
CA PRO B 315 11.02 10.80 12.03
C PRO B 315 11.36 9.42 12.55
N GLN B 316 10.82 8.42 11.90
CA GLN B 316 11.03 7.09 12.31
C GLN B 316 10.78 6.25 11.11
N SER B 317 11.33 5.04 11.11
CA SER B 317 11.18 4.17 9.96
C SER B 317 11.13 2.71 10.35
N ILE B 318 10.14 1.99 9.86
CA ILE B 318 10.06 0.60 10.20
C ILE B 318 10.12 -0.29 8.99
N GLU B 319 11.03 -1.26 9.05
CA GLU B 319 11.18 -2.24 7.97
C GLU B 319 10.10 -3.31 8.06
N VAL B 320 9.77 -3.89 6.93
CA VAL B 320 8.84 -4.99 6.89
C VAL B 320 9.51 -6.04 5.96
N HIS B 321 9.06 -7.29 5.95
CA HIS B 321 9.76 -8.30 5.13
C HIS B 321 9.01 -9.20 4.18
N PRO B 322 9.51 -9.22 2.94
CA PRO B 322 8.96 -10.05 1.87
C PRO B 322 9.38 -11.47 2.12
N ARG B 323 8.61 -12.41 1.58
CA ARG B 323 8.92 -13.83 1.75
C ARG B 323 8.36 -14.68 0.59
N LEU B 324 9.19 -15.63 0.12
CA LEU B 324 8.84 -16.50 -1.00
C LEU B 324 7.70 -17.45 -0.74
N ILE B 325 6.80 -17.56 -1.71
CA ILE B 325 5.67 -18.45 -1.63
C ILE B 325 5.72 -19.37 -2.82
N GLU B 326 6.06 -20.63 -2.59
CA GLU B 326 6.13 -21.60 -3.68
C GLU B 326 4.74 -22.10 -4.07
N ARG B 327 4.38 -21.96 -5.33
CA ARG B 327 3.09 -22.44 -5.83
C ARG B 327 3.36 -23.38 -7.05
N ARG B 328 2.72 -23.18 -8.18
CA ARG B 328 2.94 -24.11 -9.28
C ARG B 328 3.39 -23.57 -10.61
N SER B 329 3.87 -22.34 -10.65
CA SER B 329 4.29 -21.77 -11.92
C SER B 329 5.77 -21.90 -12.27
N VAL B 330 6.52 -22.56 -11.39
CA VAL B 330 7.95 -22.73 -11.64
C VAL B 330 8.35 -24.18 -11.64
N ALA B 331 9.16 -24.53 -12.63
CA ALA B 331 9.63 -25.89 -12.83
C ALA B 331 11.14 -25.92 -12.80
N ASP B 332 11.70 -27.12 -12.70
CA ASP B 332 13.14 -27.23 -12.67
C ASP B 332 13.76 -26.76 -13.96
N GLY B 333 14.94 -26.15 -13.85
CA GLY B 333 15.69 -25.68 -15.00
C GLY B 333 16.70 -26.76 -15.42
N PRO B 334 17.30 -26.55 -16.59
CA PRO B 334 18.27 -27.47 -17.15
C PRO B 334 19.54 -27.71 -16.29
N PHE B 335 19.82 -26.82 -15.36
CA PHE B 335 20.96 -27.02 -14.55
C PHE B 335 20.70 -27.56 -13.15
N ARG B 336 19.43 -27.85 -12.81
CA ARG B 336 19.15 -28.34 -11.45
C ARG B 336 20.11 -29.35 -10.90
N ASP B 337 20.22 -30.44 -11.64
CA ASP B 337 21.05 -31.59 -11.31
C ASP B 337 22.53 -31.34 -11.23
N TYR B 338 22.98 -30.27 -11.88
CA TYR B 338 24.40 -29.89 -11.88
C TYR B 338 24.72 -28.85 -10.80
N ARG B 339 24.65 -29.21 -9.53
CA ARG B 339 24.92 -28.22 -8.47
C ARG B 339 25.33 -28.78 -7.14
N1 HPA C . 1.12 -0.34 -8.57
C2 HPA C . 0.35 -1.48 -8.67
N3 HPA C . 0.69 -2.66 -8.13
C4 HPA C . 1.88 -2.61 -7.49
C5 HPA C . 2.71 -1.52 -7.34
C6 HPA C . 2.34 -0.27 -7.90
O6 HPA C . 2.95 0.80 -7.85
N7 HPA C . 3.83 -1.88 -6.61
C8 HPA C . 3.66 -3.14 -6.32
N9 HPA C . 2.48 -3.64 -6.82
#